data_7T2J
#
_entry.id   7T2J
#
_cell.length_a   121.077
_cell.length_b   61.590
_cell.length_c   79.556
_cell.angle_alpha   90.000
_cell.angle_beta   117.611
_cell.angle_gamma   90.000
#
_symmetry.space_group_name_H-M   'C 1 2 1'
#
loop_
_entity.id
_entity.type
_entity.pdbx_description
1 polymer 'Transcriptional enhancer factor TEF-4'
2 non-polymer 4-[3-(trifluoromethyl)anilino]-1,3-dihydro-2H-isoindole-2-carbonitrile
3 water water
#
_entity_poly.entity_id   1
_entity_poly.type   'polypeptide(L)'
_entity_poly.pdbx_seq_one_letter_code
;GHMAWQARGLGTARLQLVEFSAFVEPPDAVDSYQRHLFVHISQHCPSPGAPPLESVDVRQIYDKFPEKKGGLRELYDRGP
PHAFFLVKFWADLNWGPSGEEAGAGGSISSGGFYGVSSQYESLEHMTLTCSSKVCSFGKQVVEKVETERAQLEDGRFVYR
LLRSPMCEYLVNFLHKLRQLPERYMMNSVLENFTILQVVTNRDTQELLLCTAYVFEVSTSERGAQHHIYRLVRD
;
_entity_poly.pdbx_strand_id   B,A
#
# COMPACT_ATOMS: atom_id res chain seq x y z
N TRP A 5 6.53 -31.56 10.34
CA TRP A 5 6.97 -30.38 9.58
C TRP A 5 5.86 -29.35 9.50
N GLN A 6 4.68 -29.71 9.97
CA GLN A 6 3.55 -28.79 10.00
C GLN A 6 3.78 -27.70 11.04
N ALA A 7 3.24 -26.51 10.76
CA ALA A 7 3.52 -25.34 11.58
C ALA A 7 2.80 -25.44 12.92
N ARG A 8 3.47 -24.98 13.98
CA ARG A 8 2.83 -24.79 15.27
C ARG A 8 2.36 -23.36 15.49
N GLY A 9 2.95 -22.38 14.82
CA GLY A 9 2.53 -20.99 14.94
C GLY A 9 2.25 -20.40 13.56
N LEU A 10 1.95 -19.10 13.58
CA LEU A 10 1.82 -18.32 12.35
C LEU A 10 3.22 -17.93 11.88
N GLY A 11 3.76 -18.75 11.01
CA GLY A 11 5.02 -18.42 10.36
C GLY A 11 5.61 -19.64 9.68
N THR A 12 6.70 -19.40 8.97
CA THR A 12 7.52 -20.45 8.41
C THR A 12 8.85 -20.50 9.15
N ALA A 13 9.68 -21.49 8.81
CA ALA A 13 11.08 -21.48 9.20
C ALA A 13 11.82 -20.25 8.68
N ARG A 14 11.20 -19.47 7.79
CA ARG A 14 11.86 -18.38 7.10
C ARG A 14 11.32 -17.01 7.48
N LEU A 15 10.11 -16.94 8.05
CA LEU A 15 9.61 -15.69 8.61
C LEU A 15 8.58 -16.05 9.69
N GLN A 16 8.99 -15.99 10.95
CA GLN A 16 8.05 -16.01 12.05
C GLN A 16 7.34 -14.67 12.17
N LEU A 17 6.08 -14.72 12.61
CA LEU A 17 5.44 -13.57 13.24
C LEU A 17 5.64 -13.60 14.75
N VAL A 18 6.09 -12.48 15.31
CA VAL A 18 6.30 -12.37 16.74
C VAL A 18 5.05 -11.82 17.41
N GLU A 19 4.66 -10.60 17.04
CA GLU A 19 3.45 -9.99 17.59
C GLU A 19 2.74 -9.22 16.50
N PHE A 20 1.42 -9.08 16.67
CA PHE A 20 0.62 -8.22 15.81
C PHE A 20 -0.57 -7.71 16.61
N SER A 21 -0.88 -6.42 16.46
CA SER A 21 -2.06 -5.84 17.07
C SER A 21 -2.62 -4.75 16.18
N ALA A 22 -3.91 -4.47 16.37
CA ALA A 22 -4.49 -3.18 16.02
C ALA A 22 -5.20 -2.59 17.24
N PHE A 23 -4.93 -1.33 17.52
CA PHE A 23 -5.26 -0.74 18.82
C PHE A 23 -5.78 0.67 18.63
N VAL A 24 -6.47 1.17 19.65
CA VAL A 24 -6.83 2.59 19.75
C VAL A 24 -6.27 3.14 21.06
N GLU A 25 -5.61 4.29 20.98
CA GLU A 25 -5.24 5.06 22.16
C GLU A 25 -6.12 6.29 22.25
N PRO A 26 -6.83 6.50 23.37
CA PRO A 26 -7.68 7.69 23.50
C PRO A 26 -6.83 8.95 23.56
N PRO A 27 -7.40 10.11 23.24
CA PRO A 27 -6.68 11.37 23.48
C PRO A 27 -6.34 11.60 24.94
N ASP A 28 -7.07 10.98 25.86
CA ASP A 28 -6.73 10.98 27.27
C ASP A 28 -5.52 10.12 27.61
N ALA A 29 -4.88 9.48 26.62
CA ALA A 29 -3.72 8.65 26.90
C ALA A 29 -2.45 9.46 27.08
N VAL A 30 -2.45 10.73 26.71
CA VAL A 30 -1.26 11.56 26.90
C VAL A 30 -0.94 11.70 28.37
N ASP A 31 -1.96 11.94 29.20
CA ASP A 31 -1.75 12.02 30.64
C ASP A 31 -1.61 10.64 31.26
N SER A 32 -2.63 9.79 31.09
CA SER A 32 -2.67 8.47 31.72
C SER A 32 -2.87 7.44 30.61
N TYR A 33 -1.78 6.81 30.18
CA TYR A 33 -1.81 5.98 28.99
C TYR A 33 -2.67 4.74 29.21
N GLN A 34 -3.42 4.36 28.19
CA GLN A 34 -4.05 3.05 28.13
C GLN A 34 -4.17 2.62 26.68
N ARG A 35 -4.22 1.30 26.46
CA ARG A 35 -4.37 0.72 25.14
C ARG A 35 -5.62 -0.15 25.10
N HIS A 36 -6.39 -0.03 24.02
CA HIS A 36 -7.46 -0.96 23.70
C HIS A 36 -7.10 -1.71 22.42
N LEU A 37 -7.11 -3.04 22.50
CA LEU A 37 -6.77 -3.90 21.37
C LEU A 37 -8.05 -4.47 20.78
N PHE A 38 -8.36 -4.08 19.54
CA PHE A 38 -9.38 -4.77 18.77
C PHE A 38 -8.97 -6.20 18.47
N VAL A 39 -7.74 -6.39 17.98
CA VAL A 39 -7.18 -7.71 17.74
C VAL A 39 -5.74 -7.73 18.25
N HIS A 40 -5.25 -8.93 18.55
CA HIS A 40 -3.90 -9.08 19.09
C HIS A 40 -3.45 -10.52 18.92
N ILE A 41 -2.30 -10.71 18.30
CA ILE A 41 -1.60 -11.99 18.30
C ILE A 41 -0.23 -11.78 18.93
N SER A 42 0.07 -12.54 19.98
CA SER A 42 1.40 -12.56 20.59
C SER A 42 1.92 -13.99 20.62
N GLN A 43 3.20 -14.16 20.29
CA GLN A 43 3.78 -15.49 20.17
C GLN A 43 5.19 -15.55 20.76
N PRO A 51 2.09 -29.63 19.07
CA PRO A 51 0.68 -29.31 18.84
C PRO A 51 0.47 -28.55 17.53
N PRO A 52 0.18 -29.27 16.45
CA PRO A 52 0.16 -28.63 15.13
C PRO A 52 -1.18 -27.93 14.87
N LEU A 53 -1.11 -26.82 14.16
CA LEU A 53 -2.27 -25.96 13.97
C LEU A 53 -3.35 -26.70 13.18
N GLU A 54 -4.61 -26.45 13.53
CA GLU A 54 -5.72 -27.01 12.79
C GLU A 54 -5.74 -26.44 11.37
N SER A 55 -6.46 -27.14 10.49
CA SER A 55 -6.27 -27.04 9.05
C SER A 55 -7.60 -26.67 8.40
N VAL A 56 -7.56 -25.70 7.48
CA VAL A 56 -8.73 -25.23 6.75
C VAL A 56 -8.40 -25.24 5.26
N ASP A 57 -9.29 -25.82 4.45
CA ASP A 57 -9.07 -25.87 3.01
C ASP A 57 -9.12 -24.45 2.46
N VAL A 58 -8.12 -24.11 1.65
CA VAL A 58 -8.05 -22.78 1.05
C VAL A 58 -9.20 -22.58 0.06
N ARG A 59 -9.73 -23.67 -0.51
CA ARG A 59 -10.75 -23.53 -1.53
C ARG A 59 -12.08 -23.05 -0.96
N GLN A 60 -12.28 -23.18 0.35
CA GLN A 60 -13.54 -22.79 0.96
C GLN A 60 -13.68 -21.28 1.08
N ILE A 61 -12.60 -20.52 0.91
CA ILE A 61 -12.58 -19.11 1.23
C ILE A 61 -12.06 -18.32 0.04
N TYR A 62 -12.13 -18.93 -1.15
CA TYR A 62 -11.81 -18.18 -2.36
C TYR A 62 -12.78 -17.03 -2.57
N ASP A 63 -14.06 -17.25 -2.28
CA ASP A 63 -15.11 -16.30 -2.62
C ASP A 63 -14.94 -14.97 -1.90
N LYS A 64 -14.17 -14.93 -0.81
CA LYS A 64 -14.06 -13.76 0.04
C LYS A 64 -12.84 -12.90 -0.27
N PHE A 65 -12.03 -13.28 -1.26
CA PHE A 65 -10.83 -12.58 -1.63
C PHE A 65 -10.75 -12.51 -3.15
N PRO A 66 -10.01 -11.56 -3.71
CA PRO A 66 -10.00 -11.38 -5.17
C PRO A 66 -9.50 -12.63 -5.89
N GLU A 67 -9.62 -12.59 -7.21
CA GLU A 67 -9.00 -13.61 -8.05
C GLU A 67 -7.89 -13.03 -8.91
N GLY A 70 -3.93 -10.85 -7.89
CA GLY A 70 -3.73 -10.61 -6.47
C GLY A 70 -4.46 -11.61 -5.59
N GLY A 71 -5.01 -12.65 -6.23
CA GLY A 71 -6.03 -13.45 -5.61
C GLY A 71 -5.49 -14.60 -4.79
N LEU A 72 -6.32 -15.12 -3.88
CA LEU A 72 -5.91 -16.24 -3.05
C LEU A 72 -5.62 -17.48 -3.89
N ARG A 73 -6.43 -17.74 -4.91
CA ARG A 73 -6.18 -18.90 -5.77
C ARG A 73 -4.83 -18.79 -6.45
N GLU A 74 -4.53 -17.63 -7.05
CA GLU A 74 -3.22 -17.44 -7.67
C GLU A 74 -2.10 -17.68 -6.69
N LEU A 75 -2.16 -17.03 -5.51
CA LEU A 75 -1.02 -17.01 -4.61
C LEU A 75 -0.71 -18.40 -4.06
N TYR A 76 -1.75 -19.17 -3.74
CA TYR A 76 -1.55 -20.56 -3.35
C TYR A 76 -1.00 -21.39 -4.51
N ASP A 77 -1.47 -21.11 -5.74
CA ASP A 77 -0.99 -21.84 -6.91
C ASP A 77 0.51 -21.65 -7.10
N ARG A 78 0.99 -20.41 -6.98
CA ARG A 78 2.44 -20.19 -7.04
C ARG A 78 3.14 -20.66 -5.77
N GLY A 79 2.43 -20.71 -4.65
CA GLY A 79 2.97 -21.21 -3.40
C GLY A 79 3.83 -20.17 -2.70
N PRO A 80 4.55 -20.60 -1.65
CA PRO A 80 4.54 -21.98 -1.14
C PRO A 80 3.35 -22.31 -0.25
N PRO A 81 2.86 -23.56 -0.33
CA PRO A 81 1.63 -23.89 0.40
C PRO A 81 1.74 -23.67 1.90
N HIS A 82 2.90 -23.94 2.49
CA HIS A 82 3.05 -23.89 3.94
C HIS A 82 3.05 -22.46 4.47
N ALA A 83 3.18 -21.47 3.60
CA ALA A 83 3.24 -20.08 4.02
C ALA A 83 1.87 -19.45 4.22
N PHE A 84 0.79 -20.21 3.99
CA PHE A 84 -0.55 -19.65 3.91
C PHE A 84 -1.31 -20.00 5.18
N PHE A 85 -1.87 -18.99 5.83
CA PHE A 85 -2.52 -19.16 7.12
C PHE A 85 -3.85 -18.42 7.13
N LEU A 86 -4.78 -18.93 7.93
CA LEU A 86 -6.05 -18.27 8.19
C LEU A 86 -6.12 -17.91 9.67
N VAL A 87 -6.46 -16.66 9.96
CA VAL A 87 -6.78 -16.21 11.31
C VAL A 87 -8.24 -15.77 11.33
N LYS A 88 -9.03 -16.36 12.21
CA LYS A 88 -10.29 -15.76 12.61
C LYS A 88 -10.09 -14.88 13.84
N PHE A 89 -10.60 -13.66 13.77
CA PHE A 89 -10.53 -12.71 14.86
C PHE A 89 -11.93 -12.52 15.45
N TRP A 90 -12.02 -12.53 16.77
CA TRP A 90 -13.17 -11.99 17.48
C TRP A 90 -12.80 -10.60 18.01
N ALA A 91 -13.28 -9.56 17.33
CA ALA A 91 -12.87 -8.21 17.64
C ALA A 91 -13.52 -7.73 18.94
N ASP A 92 -12.78 -6.92 19.70
CA ASP A 92 -13.31 -6.23 20.86
C ASP A 92 -13.68 -4.81 20.47
N LEU A 93 -14.98 -4.51 20.50
CA LEU A 93 -15.55 -3.37 19.79
C LEU A 93 -16.29 -2.43 20.74
N ASN A 94 -15.78 -2.27 21.96
CA ASN A 94 -16.23 -1.19 22.82
C ASN A 94 -15.04 -0.50 23.48
N TRP A 95 -15.09 0.84 23.49
CA TRP A 95 -13.95 1.65 23.89
C TRP A 95 -14.33 3.12 24.00
N GLY A 112 -8.40 10.46 19.04
CA GLY A 112 -7.65 9.26 19.38
C GLY A 112 -6.78 8.76 18.24
N PHE A 113 -5.76 8.00 18.58
CA PHE A 113 -4.84 7.44 17.59
C PHE A 113 -5.16 5.97 17.37
N TYR A 114 -5.30 5.59 16.10
CA TYR A 114 -5.54 4.21 15.72
C TYR A 114 -4.31 3.66 15.02
N GLY A 115 -3.80 2.54 15.52
CA GLY A 115 -2.51 2.05 15.07
C GLY A 115 -2.56 0.55 14.86
N VAL A 116 -1.71 0.07 13.95
CA VAL A 116 -1.44 -1.35 13.79
C VAL A 116 0.05 -1.58 13.96
N SER A 117 0.41 -2.53 14.83
CA SER A 117 1.80 -2.88 15.07
C SER A 117 2.03 -4.33 14.65
N SER A 118 2.97 -4.55 13.74
CA SER A 118 3.42 -5.89 13.38
C SER A 118 4.90 -6.03 13.68
N GLN A 119 5.30 -7.23 14.09
CA GLN A 119 6.71 -7.58 14.22
C GLN A 119 6.94 -8.99 13.72
N TYR A 120 8.01 -9.16 12.94
CA TYR A 120 8.39 -10.45 12.37
C TYR A 120 9.84 -10.77 12.74
N GLU A 121 10.22 -12.02 12.51
CA GLU A 121 11.58 -12.47 12.72
C GLU A 121 11.98 -13.41 11.59
N SER A 122 13.29 -13.53 11.37
CA SER A 122 13.80 -14.58 10.51
C SER A 122 15.26 -14.84 10.90
N LEU A 123 15.88 -15.78 10.18
CA LEU A 123 17.31 -16.00 10.24
C LEU A 123 18.05 -15.46 9.03
N GLU A 124 17.34 -15.02 7.99
CA GLU A 124 17.92 -14.28 6.88
C GLU A 124 17.86 -12.78 7.13
N HIS A 125 18.88 -12.07 6.64
CA HIS A 125 18.73 -10.66 6.31
C HIS A 125 17.91 -10.54 5.03
N MET A 126 16.70 -9.98 5.14
CA MET A 126 15.84 -9.74 4.00
C MET A 126 15.35 -8.30 4.03
N THR A 127 14.72 -7.87 2.95
CA THR A 127 13.87 -6.69 2.94
C THR A 127 12.43 -7.10 2.64
N LEU A 128 11.52 -6.71 3.52
CA LEU A 128 10.16 -7.22 3.54
C LEU A 128 9.22 -6.21 2.89
N THR A 129 8.28 -6.71 2.08
CA THR A 129 7.19 -5.91 1.54
C THR A 129 5.87 -6.53 1.94
N CYS A 130 5.00 -5.72 2.54
CA CYS A 130 3.91 -6.20 3.39
C CYS A 130 2.60 -5.63 2.86
N SER A 131 1.86 -6.43 2.10
CA SER A 131 0.72 -5.96 1.31
C SER A 131 -0.56 -6.32 2.05
N SER A 132 -1.29 -5.31 2.49
CA SER A 132 -2.52 -5.51 3.27
C SER A 132 -3.71 -5.10 2.41
N LYS A 133 -4.50 -6.09 2.00
CA LYS A 133 -5.68 -5.85 1.16
C LYS A 133 -6.92 -5.99 2.03
N VAL A 134 -7.71 -4.93 2.10
CA VAL A 134 -9.01 -4.97 2.76
C VAL A 134 -10.08 -5.25 1.71
N CYS A 135 -10.83 -6.33 1.90
CA CYS A 135 -11.80 -6.78 0.92
C CYS A 135 -13.20 -6.73 1.51
N SER A 136 -14.13 -6.13 0.79
CA SER A 136 -15.55 -6.15 1.14
C SER A 136 -16.30 -6.97 0.10
N PHE A 137 -16.93 -8.06 0.53
CA PHE A 137 -17.56 -9.02 -0.36
C PHE A 137 -16.56 -9.55 -1.40
N GLY A 138 -15.32 -9.71 -0.97
CA GLY A 138 -14.30 -10.28 -1.83
C GLY A 138 -13.85 -9.41 -2.97
N LYS A 139 -14.07 -8.10 -2.87
CA LYS A 139 -13.43 -7.12 -3.74
C LYS A 139 -12.42 -6.30 -2.93
N GLN A 140 -11.26 -6.05 -3.52
CA GLN A 140 -10.31 -5.14 -2.91
C GLN A 140 -10.93 -3.75 -2.79
N VAL A 141 -10.81 -3.17 -1.58
CA VAL A 141 -11.38 -1.86 -1.29
C VAL A 141 -10.31 -0.87 -0.85
N VAL A 142 -9.39 -1.27 0.02
CA VAL A 142 -8.14 -0.56 0.25
C VAL A 142 -6.99 -1.54 0.16
N GLU A 143 -5.84 -1.06 -0.30
CA GLU A 143 -4.57 -1.76 -0.16
C GLU A 143 -3.54 -0.86 0.52
N LYS A 144 -2.77 -1.45 1.42
CA LYS A 144 -1.59 -0.80 2.00
C LYS A 144 -0.38 -1.67 1.69
N VAL A 145 0.70 -1.04 1.21
CA VAL A 145 1.96 -1.71 0.93
C VAL A 145 3.07 -0.98 1.68
N GLU A 146 3.88 -1.75 2.42
CA GLU A 146 4.97 -1.19 3.21
C GLU A 146 6.23 -2.01 3.02
N THR A 147 7.37 -1.36 3.27
CA THR A 147 8.67 -2.01 3.26
C THR A 147 9.30 -1.90 4.64
N GLU A 148 9.95 -2.98 5.10
CA GLU A 148 10.81 -2.89 6.27
C GLU A 148 12.02 -3.78 6.08
N ARG A 149 13.19 -3.25 6.45
CA ARG A 149 14.46 -3.91 6.25
C ARG A 149 14.96 -4.51 7.56
N ALA A 150 15.99 -5.35 7.44
CA ALA A 150 16.43 -6.17 8.56
C ALA A 150 17.01 -5.32 9.69
N GLN A 151 16.82 -5.78 10.92
CA GLN A 151 17.55 -5.26 12.07
C GLN A 151 18.05 -6.44 12.89
N LEU A 152 19.38 -6.61 12.95
CA LEU A 152 19.98 -7.77 13.58
C LEU A 152 19.96 -7.60 15.09
N GLU A 153 19.35 -8.55 15.79
CA GLU A 153 19.21 -8.49 17.24
C GLU A 153 19.26 -9.92 17.78
N ASP A 154 20.32 -10.25 18.52
CA ASP A 154 20.44 -11.53 19.21
C ASP A 154 20.50 -12.70 18.21
N GLY A 155 21.42 -12.58 17.25
CA GLY A 155 21.54 -13.56 16.19
C GLY A 155 20.35 -13.58 15.25
N ARG A 156 19.40 -12.68 15.50
CA ARG A 156 18.10 -12.72 14.86
C ARG A 156 17.88 -11.45 14.06
N PHE A 157 17.15 -11.58 12.96
CA PHE A 157 16.66 -10.44 12.23
C PHE A 157 15.20 -10.19 12.60
N VAL A 158 14.90 -8.99 13.05
CA VAL A 158 13.55 -8.57 13.36
C VAL A 158 13.14 -7.49 12.38
N TYR A 159 11.84 -7.42 12.12
CA TYR A 159 11.27 -6.41 11.25
C TYR A 159 10.11 -5.76 11.99
N ARG A 160 10.31 -4.52 12.44
CA ARG A 160 9.37 -3.85 13.31
C ARG A 160 8.53 -2.89 12.47
N LEU A 161 7.24 -3.21 12.33
CA LEU A 161 6.29 -2.35 11.63
C LEU A 161 5.28 -1.89 12.67
N LEU A 162 5.62 -0.84 13.40
CA LEU A 162 5.04 -0.57 14.70
C LEU A 162 4.26 0.74 14.64
N ARG A 163 3.03 0.72 15.15
CA ARG A 163 2.23 1.93 15.29
C ARG A 163 1.99 2.60 13.95
N SER A 164 1.94 1.80 12.89
CA SER A 164 1.50 2.26 11.60
C SER A 164 0.08 2.80 11.71
N PRO A 165 -0.16 4.07 11.37
CA PRO A 165 -1.50 4.64 11.54
C PRO A 165 -2.54 3.87 10.73
N MET A 166 -3.67 3.60 11.36
CA MET A 166 -4.71 2.80 10.73
C MET A 166 -5.30 3.55 9.54
N CYS A 167 -5.59 2.81 8.47
CA CYS A 167 -6.19 3.41 7.29
C CYS A 167 -7.56 3.97 7.61
N GLU A 168 -7.86 5.13 7.01
CA GLU A 168 -9.01 5.93 7.44
C GLU A 168 -10.32 5.19 7.22
N TYR A 169 -10.43 4.48 6.09
CA TYR A 169 -11.57 3.61 5.85
C TYR A 169 -11.77 2.65 7.02
N LEU A 170 -10.68 2.10 7.56
CA LEU A 170 -10.80 1.08 8.58
C LEU A 170 -11.22 1.68 9.92
N VAL A 171 -10.68 2.85 10.25
CA VAL A 171 -11.13 3.56 11.44
C VAL A 171 -12.58 3.97 11.31
N ASN A 172 -12.97 4.47 10.13
CA ASN A 172 -14.38 4.73 9.87
C ASN A 172 -15.20 3.46 9.96
N PHE A 173 -14.69 2.36 9.41
CA PHE A 173 -15.42 1.10 9.47
C PHE A 173 -15.61 0.59 10.89
N LEU A 174 -14.80 1.06 11.84
CA LEU A 174 -15.01 0.67 13.23
C LEU A 174 -16.09 1.51 13.90
N HIS A 175 -16.00 2.83 13.73
CA HIS A 175 -16.98 3.72 14.34
C HIS A 175 -18.38 3.42 13.86
N LYS A 176 -18.54 3.25 12.54
CA LYS A 176 -19.82 2.84 11.98
C LYS A 176 -20.23 1.46 12.50
N LEU A 177 -19.30 0.49 12.48
CA LEU A 177 -19.62 -0.84 12.95
C LEU A 177 -19.93 -0.86 14.45
N ARG A 178 -19.30 0.04 15.22
CA ARG A 178 -19.43 -0.01 16.67
C ARG A 178 -20.80 0.47 17.14
N GLN A 179 -21.50 1.27 16.34
CA GLN A 179 -22.78 1.84 16.72
C GLN A 179 -23.96 0.97 16.28
N LEU A 180 -23.70 -0.22 15.76
CA LEU A 180 -24.78 -1.09 15.32
C LEU A 180 -25.60 -1.54 16.53
N PRO A 181 -26.93 -1.54 16.43
CA PRO A 181 -27.75 -1.90 17.60
C PRO A 181 -27.46 -3.29 18.13
N GLU A 182 -27.03 -4.22 17.26
CA GLU A 182 -27.04 -5.63 17.59
C GLU A 182 -25.76 -6.27 17.09
N ARG A 183 -25.23 -7.21 17.87
CA ARG A 183 -23.94 -7.80 17.52
C ARG A 183 -24.06 -8.83 16.40
N TYR A 184 -25.22 -9.47 16.26
CA TYR A 184 -25.46 -10.29 15.08
C TYR A 184 -25.48 -9.43 13.81
N MET A 185 -25.91 -8.17 13.93
CA MET A 185 -25.75 -7.24 12.82
C MET A 185 -24.28 -6.99 12.52
N MET A 186 -23.45 -6.85 13.56
CA MET A 186 -22.03 -6.64 13.35
C MET A 186 -21.40 -7.84 12.65
N ASN A 187 -21.74 -9.05 13.11
CA ASN A 187 -21.23 -10.25 12.46
C ASN A 187 -21.73 -10.36 11.03
N SER A 188 -22.97 -9.95 10.78
CA SER A 188 -23.50 -9.96 9.42
C SER A 188 -22.68 -9.04 8.50
N VAL A 189 -22.35 -7.85 9.00
CA VAL A 189 -21.47 -6.96 8.23
C VAL A 189 -20.08 -7.57 8.10
N LEU A 190 -19.55 -8.09 9.21
CA LEU A 190 -18.19 -8.63 9.21
C LEU A 190 -18.08 -9.93 8.42
N GLU A 191 -19.21 -10.60 8.17
CA GLU A 191 -19.21 -11.79 7.33
C GLU A 191 -18.58 -11.51 5.97
N ASN A 192 -18.83 -10.32 5.42
CA ASN A 192 -18.37 -9.96 4.09
C ASN A 192 -17.14 -9.06 4.13
N PHE A 193 -16.52 -8.89 5.29
CA PHE A 193 -15.36 -8.04 5.47
C PHE A 193 -14.15 -8.92 5.79
N THR A 194 -13.15 -8.90 4.92
CA THR A 194 -11.98 -9.75 5.06
C THR A 194 -10.73 -8.98 4.67
N ILE A 195 -9.59 -9.46 5.16
CA ILE A 195 -8.30 -8.81 4.95
C ILE A 195 -7.27 -9.86 4.55
N LEU A 196 -6.45 -9.53 3.54
CA LEU A 196 -5.46 -10.44 2.99
C LEU A 196 -4.08 -9.78 3.08
N GLN A 197 -3.20 -10.35 3.90
CA GLN A 197 -1.84 -9.84 4.07
C GLN A 197 -0.86 -10.76 3.36
N VAL A 198 -0.03 -10.18 2.49
CA VAL A 198 1.00 -10.93 1.77
C VAL A 198 2.35 -10.31 2.09
N VAL A 199 3.26 -11.12 2.65
CA VAL A 199 4.60 -10.67 2.98
C VAL A 199 5.57 -11.36 2.04
N THR A 200 6.34 -10.55 1.31
CA THR A 200 7.24 -11.04 0.27
C THR A 200 8.60 -10.39 0.45
N ASN A 201 9.65 -11.19 0.29
CA ASN A 201 10.98 -10.65 0.03
C ASN A 201 10.92 -9.70 -1.16
N ARG A 202 11.26 -8.44 -0.92
CA ARG A 202 11.23 -7.44 -1.98
C ARG A 202 12.25 -7.77 -3.08
N ASP A 203 13.47 -8.13 -2.68
CA ASP A 203 14.53 -8.37 -3.65
C ASP A 203 14.21 -9.60 -4.50
N THR A 204 14.03 -10.75 -3.86
CA THR A 204 13.83 -11.99 -4.59
C THR A 204 12.41 -12.18 -5.08
N GLN A 205 11.47 -11.33 -4.63
CA GLN A 205 10.09 -11.31 -5.10
C GLN A 205 9.31 -12.57 -4.74
N GLU A 206 9.83 -13.37 -3.82
CA GLU A 206 9.20 -14.63 -3.44
C GLU A 206 8.30 -14.43 -2.23
N LEU A 207 7.24 -15.24 -2.15
CA LEU A 207 6.29 -15.15 -1.06
C LEU A 207 6.86 -15.79 0.20
N LEU A 208 6.72 -15.11 1.32
CA LEU A 208 7.16 -15.61 2.61
C LEU A 208 6.01 -15.98 3.53
N LEU A 209 4.93 -15.19 3.53
CA LEU A 209 3.88 -15.33 4.52
C LEU A 209 2.64 -14.66 3.96
N CYS A 210 1.55 -15.41 3.84
CA CYS A 210 0.28 -14.89 3.36
C CYS A 210 -0.83 -15.32 4.31
N THR A 211 -1.51 -14.34 4.90
CA THR A 211 -2.42 -14.57 6.02
C THR A 211 -3.81 -14.06 5.64
N ALA A 212 -4.81 -14.92 5.79
CA ALA A 212 -6.20 -14.55 5.56
C ALA A 212 -6.88 -14.26 6.88
N TYR A 213 -7.50 -13.10 6.99
CA TYR A 213 -8.17 -12.66 8.21
C TYR A 213 -9.67 -12.63 7.99
N VAL A 214 -10.41 -13.31 8.86
CA VAL A 214 -11.86 -13.23 8.88
C VAL A 214 -12.30 -12.83 10.28
N PHE A 215 -13.40 -12.09 10.35
CA PHE A 215 -13.74 -11.29 11.53
C PHE A 215 -15.11 -11.67 12.05
N GLU A 216 -15.20 -11.81 13.37
CA GLU A 216 -16.43 -11.69 14.12
C GLU A 216 -16.25 -10.59 15.17
N VAL A 217 -17.34 -10.19 15.81
CA VAL A 217 -17.28 -9.37 17.00
C VAL A 217 -17.30 -10.28 18.22
N SER A 218 -16.35 -10.06 19.14
CA SER A 218 -16.44 -10.65 20.46
C SER A 218 -17.52 -9.95 21.28
N THR A 219 -18.14 -10.72 22.16
CA THR A 219 -19.03 -10.13 23.16
C THR A 219 -18.26 -9.20 24.08
N SER A 220 -18.97 -8.19 24.60
CA SER A 220 -18.31 -7.05 25.19
C SER A 220 -17.48 -7.43 26.41
N GLU A 221 -17.98 -8.38 27.21
CA GLU A 221 -17.28 -8.79 28.42
C GLU A 221 -15.98 -9.49 28.09
N ARG A 222 -15.94 -10.26 27.01
CA ARG A 222 -14.71 -10.92 26.57
C ARG A 222 -13.89 -9.98 25.70
N GLY A 223 -12.57 -10.05 25.86
CA GLY A 223 -11.66 -9.31 25.02
C GLY A 223 -11.44 -9.99 23.69
N ALA A 224 -10.42 -9.51 22.98
CA ALA A 224 -10.11 -10.01 21.64
C ALA A 224 -9.66 -11.47 21.72
N GLN A 225 -9.96 -12.23 20.66
CA GLN A 225 -9.48 -13.59 20.52
C GLN A 225 -9.14 -13.87 19.07
N HIS A 226 -8.29 -14.88 18.86
CA HIS A 226 -8.00 -15.38 17.54
C HIS A 226 -7.92 -16.90 17.56
N HIS A 227 -8.22 -17.51 16.42
CA HIS A 227 -7.84 -18.89 16.13
C HIS A 227 -7.09 -18.93 14.80
N ILE A 228 -5.96 -19.62 14.79
CA ILE A 228 -5.05 -19.62 13.65
C ILE A 228 -5.08 -20.99 13.00
N TYR A 229 -5.28 -21.02 11.68
CA TYR A 229 -5.34 -22.27 10.93
C TYR A 229 -4.29 -22.27 9.83
N ARG A 230 -3.88 -23.48 9.43
CA ARG A 230 -3.14 -23.69 8.20
C ARG A 230 -4.10 -23.82 7.04
N LEU A 231 -3.80 -23.11 5.95
CA LEU A 231 -4.56 -23.26 4.71
C LEU A 231 -3.94 -24.35 3.86
N VAL A 232 -4.71 -25.42 3.59
CA VAL A 232 -4.19 -26.57 2.88
C VAL A 232 -4.97 -26.78 1.58
N ARG A 233 -4.54 -27.75 0.78
CA ARG A 233 -5.25 -28.11 -0.44
C ARG A 233 -4.89 -29.54 -0.86
N GLY B 9 12.39 21.61 -15.06
CA GLY B 9 11.83 20.27 -15.10
C GLY B 9 11.08 19.89 -13.84
N LEU B 10 10.72 18.62 -13.73
CA LEU B 10 10.09 18.09 -12.52
C LEU B 10 11.17 17.95 -11.44
N GLY B 11 11.23 18.92 -10.55
CA GLY B 11 12.01 18.78 -9.34
C GLY B 11 12.29 20.13 -8.71
N THR B 12 13.03 20.08 -7.62
CA THR B 12 13.54 21.27 -6.95
C THR B 12 15.06 21.29 -7.04
N ALA B 13 15.65 22.37 -6.53
CA ALA B 13 17.10 22.43 -6.38
C ALA B 13 17.61 21.36 -5.44
N ARG B 14 16.76 20.83 -4.57
CA ARG B 14 17.17 19.89 -3.54
C ARG B 14 16.93 18.43 -3.93
N LEU B 15 15.96 18.17 -4.80
CA LEU B 15 15.73 16.83 -5.32
C LEU B 15 15.09 16.94 -6.70
N GLN B 16 15.45 16.04 -7.60
CA GLN B 16 14.98 16.12 -8.98
C GLN B 16 14.78 14.71 -9.53
N LEU B 17 13.65 14.50 -10.20
CA LEU B 17 13.46 13.34 -11.06
C LEU B 17 14.49 13.34 -12.18
N VAL B 18 15.04 12.15 -12.46
CA VAL B 18 15.94 11.96 -13.59
C VAL B 18 15.20 11.26 -14.72
N GLU B 19 14.75 10.04 -14.47
CA GLU B 19 13.87 9.32 -15.38
C GLU B 19 12.75 8.65 -14.60
N PHE B 20 11.53 8.71 -15.14
CA PHE B 20 10.42 7.91 -14.65
C PHE B 20 9.77 7.18 -15.82
N SER B 21 9.30 5.96 -15.56
CA SER B 21 8.55 5.22 -16.56
C SER B 21 7.71 4.16 -15.88
N ALA B 22 6.74 3.61 -16.62
CA ALA B 22 6.13 2.34 -16.26
C ALA B 22 5.77 1.59 -17.53
N PHE B 23 5.81 0.26 -17.43
CA PHE B 23 6.19 -0.56 -18.57
C PHE B 23 5.80 -2.00 -18.32
N VAL B 24 5.53 -2.72 -19.41
CA VAL B 24 5.32 -4.17 -19.37
C VAL B 24 6.39 -4.83 -20.22
N GLU B 25 7.07 -5.82 -19.65
CA GLU B 25 8.00 -6.64 -20.41
C GLU B 25 7.38 -7.98 -20.76
N PRO B 26 7.67 -8.51 -21.96
CA PRO B 26 7.29 -9.87 -22.34
C PRO B 26 8.03 -10.94 -21.56
N GLN B 34 12.06 -5.56 -27.11
CA GLN B 34 12.53 -4.69 -26.04
C GLN B 34 11.48 -4.63 -24.93
N ARG B 35 10.68 -3.55 -24.92
CA ARG B 35 9.75 -3.29 -23.84
C ARG B 35 8.76 -2.25 -24.31
N HIS B 36 7.58 -2.26 -23.70
CA HIS B 36 6.55 -1.26 -23.93
C HIS B 36 6.45 -0.38 -22.70
N LEU B 37 6.42 0.93 -22.90
CA LEU B 37 6.19 1.90 -21.84
C LEU B 37 4.79 2.50 -22.03
N PHE B 38 3.95 2.37 -21.01
CA PHE B 38 2.69 3.11 -21.02
C PHE B 38 2.91 4.59 -20.84
N VAL B 39 3.81 4.99 -19.93
CA VAL B 39 4.26 6.37 -19.84
C VAL B 39 5.77 6.37 -19.62
N HIS B 40 6.39 7.50 -19.97
CA HIS B 40 7.84 7.65 -19.80
C HIS B 40 8.14 9.14 -19.65
N ILE B 41 8.81 9.51 -18.57
CA ILE B 41 9.51 10.79 -18.45
C ILE B 41 11.01 10.51 -18.41
N SER B 42 11.76 11.17 -19.27
CA SER B 42 13.21 11.25 -19.15
C SER B 42 13.65 12.70 -19.16
N GLN B 43 14.67 13.01 -18.38
CA GLN B 43 15.12 14.39 -18.19
C GLN B 43 16.65 14.46 -18.06
N PRO B 51 12.07 27.80 -21.74
CA PRO B 51 10.73 27.23 -21.69
C PRO B 51 10.28 26.90 -20.27
N PRO B 52 9.67 27.87 -19.60
CA PRO B 52 9.27 27.66 -18.20
C PRO B 52 8.06 26.74 -18.09
N LEU B 53 8.00 26.02 -16.97
CA LEU B 53 6.90 25.11 -16.72
C LEU B 53 5.60 25.88 -16.55
N GLU B 54 4.54 25.38 -17.17
CA GLU B 54 3.24 26.02 -17.12
C GLU B 54 2.55 25.73 -15.79
N SER B 55 1.50 26.50 -15.52
CA SER B 55 1.05 26.79 -14.16
C SER B 55 -0.39 26.34 -14.01
N VAL B 56 -0.68 25.59 -12.94
CA VAL B 56 -2.01 25.07 -12.66
C VAL B 56 -2.38 25.41 -11.22
N ASP B 57 -3.60 25.89 -11.02
CA ASP B 57 -4.06 26.29 -9.70
C ASP B 57 -4.46 25.05 -8.91
N VAL B 58 -3.92 24.92 -7.69
CA VAL B 58 -3.95 23.63 -7.01
C VAL B 58 -5.38 23.31 -6.60
N ARG B 59 -6.17 24.32 -6.26
CA ARG B 59 -7.55 24.12 -5.83
C ARG B 59 -8.39 23.43 -6.89
N GLN B 60 -7.97 23.52 -8.16
CA GLN B 60 -8.72 22.89 -9.25
C GLN B 60 -8.81 21.39 -9.08
N ILE B 61 -7.83 20.79 -8.42
CA ILE B 61 -7.72 19.34 -8.34
C ILE B 61 -7.77 18.84 -6.89
N TYR B 62 -8.33 19.65 -5.98
CA TYR B 62 -8.57 19.18 -4.63
C TYR B 62 -9.53 18.00 -4.62
N ASP B 63 -10.59 18.07 -5.44
CA ASP B 63 -11.62 17.04 -5.41
C ASP B 63 -11.10 15.68 -5.89
N LYS B 64 -9.95 15.65 -6.57
CA LYS B 64 -9.45 14.44 -7.20
C LYS B 64 -8.58 13.60 -6.28
N PHE B 65 -8.42 14.02 -5.03
CA PHE B 65 -7.58 13.37 -4.04
C PHE B 65 -8.33 13.48 -2.72
N PRO B 66 -7.90 12.85 -1.62
CA PRO B 66 -8.70 12.95 -0.39
C PRO B 66 -8.54 14.31 0.27
N GLU B 67 -9.12 14.48 1.45
CA GLU B 67 -8.86 15.66 2.26
C GLU B 67 -8.11 15.26 3.52
N LYS B 68 -7.36 16.22 4.07
CA LYS B 68 -7.02 16.19 5.48
C LYS B 68 -6.18 14.97 5.87
N LYS B 69 -4.87 15.03 5.58
CA LYS B 69 -3.93 13.96 5.92
C LYS B 69 -4.12 12.72 5.07
N GLY B 70 -3.67 12.84 3.81
CA GLY B 70 -4.03 11.99 2.70
C GLY B 70 -3.93 12.76 1.39
N GLY B 71 -4.17 14.06 1.46
CA GLY B 71 -4.89 14.77 0.41
C GLY B 71 -4.23 16.07 0.08
N LEU B 72 -4.16 16.38 -1.22
CA LEU B 72 -3.24 17.41 -1.70
C LEU B 72 -3.56 18.75 -1.05
N ARG B 73 -4.81 18.95 -0.64
CA ARG B 73 -5.21 20.19 0.03
C ARG B 73 -4.26 20.52 1.16
N GLU B 74 -3.98 19.54 2.03
CA GLU B 74 -3.19 19.84 3.23
C GLU B 74 -1.72 20.04 2.88
N LEU B 75 -1.13 19.11 2.13
CA LEU B 75 0.33 19.08 2.02
C LEU B 75 0.86 20.39 1.46
N TYR B 76 0.08 21.05 0.62
CA TYR B 76 0.38 22.37 0.08
C TYR B 76 -0.08 23.51 1.01
N ASP B 77 -0.86 23.24 2.05
CA ASP B 77 -0.88 24.18 3.17
C ASP B 77 0.47 24.20 3.88
N ARG B 78 1.02 23.03 4.19
CA ARG B 78 2.26 22.96 4.96
C ARG B 78 3.45 23.44 4.15
N GLY B 79 3.46 23.21 2.85
CA GLY B 79 4.55 23.64 2.00
C GLY B 79 5.58 22.56 1.76
N PRO B 80 6.65 22.88 1.02
CA PRO B 80 6.82 24.18 0.35
C PRO B 80 6.13 24.26 -1.02
N PRO B 81 5.69 25.46 -1.40
CA PRO B 81 4.88 25.59 -2.62
C PRO B 81 5.58 25.09 -3.88
N HIS B 82 6.88 25.35 -4.02
CA HIS B 82 7.59 25.05 -5.25
C HIS B 82 7.80 23.56 -5.47
N ALA B 83 7.56 22.74 -4.44
CA ALA B 83 7.78 21.30 -4.53
C ALA B 83 6.62 20.56 -5.18
N PHE B 84 5.53 21.24 -5.50
CA PHE B 84 4.28 20.59 -5.89
C PHE B 84 4.09 20.70 -7.39
N PHE B 85 3.90 19.56 -8.05
CA PHE B 85 3.86 19.51 -9.50
C PHE B 85 2.69 18.63 -9.95
N LEU B 86 2.18 18.92 -11.14
CA LEU B 86 1.22 18.07 -11.82
C LEU B 86 1.85 17.47 -13.08
N VAL B 87 1.62 16.18 -13.29
CA VAL B 87 1.96 15.51 -14.54
C VAL B 87 0.69 14.90 -15.11
N LYS B 88 0.31 15.31 -16.31
CA LYS B 88 -0.78 14.69 -17.05
C LYS B 88 -0.18 13.73 -18.07
N PHE B 89 -0.60 12.46 -18.00
CA PHE B 89 -0.08 11.43 -18.89
C PHE B 89 -1.11 11.11 -19.97
N TRP B 90 -0.64 11.00 -21.21
CA TRP B 90 -1.39 10.36 -22.29
C TRP B 90 -0.78 8.97 -22.54
N ALA B 91 -1.26 7.98 -21.81
CA ALA B 91 -0.59 6.69 -21.75
C ALA B 91 -0.79 5.90 -23.04
N ASP B 92 0.14 4.98 -23.29
CA ASP B 92 0.11 4.13 -24.48
C ASP B 92 -0.32 2.73 -24.06
N LEU B 93 -1.52 2.32 -24.49
CA LEU B 93 -2.22 1.19 -23.91
C LEU B 93 -2.45 0.08 -24.92
N ASN B 94 -1.63 0.02 -25.97
CA ASN B 94 -1.68 -1.03 -26.98
C ASN B 94 -0.33 -1.75 -27.01
N TRP B 95 -0.38 -3.07 -26.95
CA TRP B 95 0.80 -3.91 -26.73
C TRP B 95 0.42 -5.38 -26.80
N PHE B 113 5.92 -9.09 -17.14
CA PHE B 113 6.29 -8.37 -15.93
C PHE B 113 5.83 -6.91 -16.01
N TYR B 114 5.37 -6.38 -14.88
CA TYR B 114 4.56 -5.16 -14.84
C TYR B 114 5.15 -4.23 -13.78
N GLY B 115 5.89 -3.21 -14.22
CA GLY B 115 6.89 -2.59 -13.38
C GLY B 115 6.80 -1.06 -13.47
N VAL B 116 7.43 -0.42 -12.47
CA VAL B 116 7.67 1.03 -12.50
C VAL B 116 9.13 1.27 -12.13
N SER B 117 9.77 2.19 -12.85
CA SER B 117 11.13 2.61 -12.57
C SER B 117 11.17 4.12 -12.39
N SER B 118 11.57 4.57 -11.21
CA SER B 118 11.76 5.99 -10.93
C SER B 118 13.17 6.24 -10.42
N GLN B 119 13.77 7.33 -10.88
CA GLN B 119 15.14 7.67 -10.51
C GLN B 119 15.23 9.14 -10.15
N TYR B 120 15.88 9.44 -9.03
CA TYR B 120 15.95 10.80 -8.50
C TYR B 120 17.41 11.21 -8.32
N GLU B 121 17.64 12.50 -8.14
CA GLU B 121 19.00 13.03 -7.97
C GLU B 121 19.00 14.13 -6.92
N SER B 122 20.15 14.29 -6.27
CA SER B 122 20.35 15.39 -5.34
C SER B 122 21.84 15.61 -5.17
N LEU B 123 22.18 16.69 -4.47
CA LEU B 123 23.55 16.96 -4.05
C LEU B 123 23.77 16.80 -2.56
N GLU B 124 22.71 16.84 -1.74
CA GLU B 124 22.78 16.31 -0.39
C GLU B 124 22.67 14.79 -0.39
N HIS B 125 23.27 14.16 0.61
CA HIS B 125 23.05 12.74 0.87
C HIS B 125 21.78 12.57 1.68
N MET B 126 20.83 11.81 1.14
CA MET B 126 19.51 11.65 1.74
C MET B 126 19.12 10.19 1.74
N THR B 127 18.22 9.84 2.66
CA THR B 127 17.37 8.67 2.53
C THR B 127 15.93 9.11 2.31
N LEU B 128 15.30 8.56 1.28
CA LEU B 128 13.99 9.03 0.83
C LEU B 128 12.89 8.06 1.23
N THR B 129 11.76 8.63 1.64
CA THR B 129 10.48 7.90 1.66
C THR B 129 9.60 8.41 0.53
N CYS B 130 9.29 7.53 -0.41
CA CYS B 130 8.48 7.85 -1.59
C CYS B 130 7.12 7.19 -1.43
N SER B 131 6.12 7.97 -1.04
CA SER B 131 4.79 7.46 -0.70
C SER B 131 3.86 7.66 -1.89
N SER B 132 3.25 6.58 -2.36
CA SER B 132 2.51 6.56 -3.61
C SER B 132 1.07 6.17 -3.34
N LYS B 133 0.15 7.09 -3.64
CA LYS B 133 -1.25 6.98 -3.20
C LYS B 133 -2.15 7.04 -4.43
N VAL B 134 -2.75 5.91 -4.77
CA VAL B 134 -3.64 5.81 -5.92
C VAL B 134 -5.07 6.08 -5.47
N CYS B 135 -5.73 7.02 -6.13
CA CYS B 135 -7.07 7.44 -5.74
C CYS B 135 -8.06 7.13 -6.86
N SER B 136 -9.18 6.52 -6.49
CA SER B 136 -10.30 6.31 -7.41
C SER B 136 -11.50 7.11 -6.90
N PHE B 137 -11.98 8.04 -7.73
CA PHE B 137 -13.06 8.95 -7.38
C PHE B 137 -12.74 9.73 -6.10
N GLY B 138 -11.50 10.20 -6.00
CA GLY B 138 -11.08 11.01 -4.87
C GLY B 138 -10.82 10.25 -3.59
N LYS B 139 -10.78 8.92 -3.64
CA LYS B 139 -10.59 8.09 -2.46
C LYS B 139 -9.38 7.19 -2.66
N GLN B 140 -8.54 7.09 -1.64
CA GLN B 140 -7.40 6.18 -1.68
C GLN B 140 -7.87 4.76 -1.89
N VAL B 141 -7.21 4.06 -2.83
CA VAL B 141 -7.50 2.65 -3.06
C VAL B 141 -6.22 1.85 -2.86
N VAL B 142 -5.07 2.49 -3.10
CA VAL B 142 -3.77 1.92 -2.78
C VAL B 142 -2.92 3.00 -2.15
N GLU B 143 -2.11 2.62 -1.15
CA GLU B 143 -0.89 3.34 -0.80
C GLU B 143 0.29 2.39 -0.84
N LYS B 144 1.37 2.81 -1.51
CA LYS B 144 2.65 2.12 -1.49
C LYS B 144 3.72 3.05 -0.93
N VAL B 145 4.46 2.58 0.07
CA VAL B 145 5.41 3.41 0.80
C VAL B 145 6.78 2.75 0.73
N GLU B 146 7.73 3.44 0.10
CA GLU B 146 9.02 2.87 -0.27
C GLU B 146 10.13 3.63 0.43
N THR B 147 11.31 3.01 0.48
CA THR B 147 12.53 3.69 0.90
C THR B 147 13.63 3.45 -0.14
N GLU B 148 14.39 4.50 -0.44
CA GLU B 148 15.69 4.36 -1.11
C GLU B 148 16.72 5.25 -0.42
N ARG B 149 17.94 4.72 -0.31
CA ARG B 149 19.07 5.45 0.23
C ARG B 149 19.94 5.99 -0.90
N ALA B 150 20.66 7.08 -0.61
CA ALA B 150 21.54 7.69 -1.59
C ALA B 150 22.58 6.69 -2.10
N GLN B 151 22.79 6.70 -3.41
CA GLN B 151 23.98 6.13 -4.02
C GLN B 151 24.78 7.27 -4.65
N LEU B 152 26.00 7.49 -4.16
CA LEU B 152 26.97 8.30 -4.88
C LEU B 152 27.39 7.57 -6.16
N GLU B 153 27.23 8.25 -7.30
CA GLU B 153 27.93 7.87 -8.52
C GLU B 153 27.98 9.08 -9.45
N ASP B 154 29.17 9.38 -9.95
CA ASP B 154 29.42 10.57 -10.76
C ASP B 154 29.01 11.84 -10.03
N GLY B 155 29.52 11.98 -8.78
CA GLY B 155 29.53 13.25 -8.10
C GLY B 155 28.22 13.66 -7.47
N ARG B 156 27.10 13.10 -7.92
CA ARG B 156 25.78 13.37 -7.38
C ARG B 156 25.29 12.17 -6.57
N PHE B 157 24.14 12.32 -5.95
CA PHE B 157 23.46 11.22 -5.29
C PHE B 157 22.23 10.82 -6.10
N VAL B 158 22.16 9.54 -6.45
CA VAL B 158 21.07 9.01 -7.27
C VAL B 158 20.20 8.11 -6.39
N TYR B 159 18.89 8.30 -6.50
CA TYR B 159 17.90 7.49 -5.78
C TYR B 159 17.12 6.65 -6.77
N ARG B 160 17.16 5.34 -6.61
CA ARG B 160 16.87 4.41 -7.70
C ARG B 160 15.84 3.39 -7.25
N LEU B 161 14.58 3.65 -7.60
CA LEU B 161 13.44 2.80 -7.26
C LEU B 161 13.02 1.95 -8.47
N LEU B 162 13.93 1.10 -8.93
CA LEU B 162 13.85 0.53 -10.28
C LEU B 162 13.15 -0.81 -10.32
N ARG B 163 12.25 -0.96 -11.30
CA ARG B 163 11.66 -2.26 -11.67
C ARG B 163 10.86 -2.81 -10.49
N SER B 164 10.29 -1.91 -9.70
CA SER B 164 9.29 -2.31 -8.71
C SER B 164 8.06 -2.83 -9.42
N PRO B 165 7.57 -4.02 -9.08
CA PRO B 165 6.38 -4.55 -9.74
C PRO B 165 5.16 -3.73 -9.41
N MET B 166 4.27 -3.57 -10.41
CA MET B 166 3.30 -2.50 -10.31
C MET B 166 2.27 -2.80 -9.22
N CYS B 167 1.77 -1.73 -8.62
CA CYS B 167 0.73 -1.77 -7.60
C CYS B 167 -0.42 -2.64 -8.10
N GLU B 168 -0.72 -3.75 -7.41
CA GLU B 168 -1.40 -4.88 -8.05
C GLU B 168 -2.80 -4.51 -8.52
N TYR B 169 -3.45 -3.56 -7.82
CA TYR B 169 -4.67 -2.95 -8.31
C TYR B 169 -4.52 -2.46 -9.75
N LEU B 170 -3.33 -1.94 -10.10
CA LEU B 170 -3.14 -1.36 -11.42
C LEU B 170 -3.05 -2.44 -12.50
N VAL B 171 -2.40 -3.56 -12.19
CA VAL B 171 -2.18 -4.59 -13.20
C VAL B 171 -3.52 -5.14 -13.69
N ASN B 172 -4.42 -5.45 -12.75
CA ASN B 172 -5.78 -5.81 -13.12
C ASN B 172 -6.51 -4.66 -13.79
N PHE B 173 -6.35 -3.44 -13.27
CA PHE B 173 -6.99 -2.28 -13.87
C PHE B 173 -6.52 -2.06 -15.30
N LEU B 174 -5.22 -2.18 -15.54
CA LEU B 174 -4.66 -1.90 -16.85
C LEU B 174 -5.21 -2.85 -17.90
N HIS B 175 -5.13 -4.15 -17.65
CA HIS B 175 -5.52 -5.15 -18.63
C HIS B 175 -7.02 -5.19 -18.83
N LYS B 176 -7.79 -4.89 -17.79
CA LYS B 176 -9.20 -4.56 -17.97
C LYS B 176 -9.37 -3.32 -18.83
N LEU B 177 -8.58 -2.26 -18.55
CA LEU B 177 -8.75 -1.02 -19.28
C LEU B 177 -8.41 -1.15 -20.76
N ARG B 178 -7.51 -2.10 -21.10
CA ARG B 178 -7.03 -2.18 -22.47
C ARG B 178 -8.13 -2.58 -23.44
N GLN B 179 -9.05 -3.44 -23.02
CA GLN B 179 -9.99 -4.09 -23.91
C GLN B 179 -11.26 -3.27 -24.11
N LEU B 180 -11.31 -2.06 -23.55
CA LEU B 180 -12.36 -1.11 -23.89
C LEU B 180 -12.34 -0.84 -25.40
N PRO B 181 -13.48 -0.96 -26.08
CA PRO B 181 -13.47 -0.86 -27.55
C PRO B 181 -13.04 0.51 -28.06
N GLU B 182 -13.17 1.56 -27.25
CA GLU B 182 -12.90 2.92 -27.70
C GLU B 182 -12.00 3.63 -26.69
N ARG B 183 -11.18 4.54 -27.21
CA ARG B 183 -10.31 5.34 -26.33
C ARG B 183 -11.13 6.26 -25.44
N TYR B 184 -12.18 6.87 -25.96
CA TYR B 184 -12.93 7.85 -25.19
C TYR B 184 -13.62 7.18 -24.00
N MET B 185 -13.93 5.90 -24.11
CA MET B 185 -14.32 5.12 -22.93
C MET B 185 -13.16 4.99 -21.95
N MET B 186 -11.95 4.77 -22.47
CA MET B 186 -10.78 4.66 -21.58
C MET B 186 -10.52 5.96 -20.85
N ASN B 187 -10.62 7.10 -21.55
CA ASN B 187 -10.48 8.39 -20.90
C ASN B 187 -11.59 8.64 -19.89
N SER B 188 -12.81 8.19 -20.20
CA SER B 188 -13.92 8.32 -19.26
C SER B 188 -13.62 7.58 -17.96
N VAL B 189 -13.08 6.36 -18.07
CA VAL B 189 -12.69 5.62 -16.88
C VAL B 189 -11.57 6.34 -16.15
N LEU B 190 -10.58 6.83 -16.90
CA LEU B 190 -9.39 7.42 -16.29
C LEU B 190 -9.65 8.79 -15.70
N GLU B 191 -10.79 9.42 -16.04
CA GLU B 191 -11.18 10.68 -15.40
C GLU B 191 -11.11 10.59 -13.88
N ASN B 192 -11.57 9.46 -13.33
CA ASN B 192 -11.71 9.30 -11.88
C ASN B 192 -10.54 8.52 -11.28
N PHE B 193 -9.37 8.55 -11.93
CA PHE B 193 -8.24 7.76 -11.49
C PHE B 193 -7.00 8.64 -11.42
N THR B 194 -6.44 8.77 -10.22
CA THR B 194 -5.33 9.67 -9.94
C THR B 194 -4.25 8.92 -9.17
N ILE B 195 -3.03 9.45 -9.22
CA ILE B 195 -1.95 9.00 -8.37
C ILE B 195 -1.27 10.23 -7.76
N LEU B 196 -1.02 10.17 -6.45
CA LEU B 196 -0.28 11.22 -5.73
C LEU B 196 0.99 10.60 -5.17
N GLN B 197 2.14 11.19 -5.53
CA GLN B 197 3.43 10.78 -4.99
C GLN B 197 3.95 11.88 -4.09
N VAL B 198 4.25 11.54 -2.84
CA VAL B 198 4.93 12.42 -1.90
C VAL B 198 6.31 11.85 -1.63
N VAL B 199 7.35 12.63 -1.91
CA VAL B 199 8.71 12.29 -1.55
C VAL B 199 9.13 13.17 -0.38
N THR B 200 9.52 12.56 0.73
CA THR B 200 10.04 13.27 1.88
C THR B 200 11.37 12.67 2.29
N ASN B 201 12.31 13.54 2.66
CA ASN B 201 13.48 13.12 3.42
C ASN B 201 13.06 12.35 4.67
N ARG B 202 13.46 11.08 4.74
CA ARG B 202 13.00 10.23 5.83
C ARG B 202 13.47 10.74 7.18
N ASP B 203 14.73 11.19 7.27
CA ASP B 203 15.31 11.55 8.56
C ASP B 203 14.58 12.74 9.17
N THR B 204 14.37 13.78 8.39
CA THR B 204 13.75 15.02 8.89
C THR B 204 12.27 15.12 8.57
N GLN B 205 11.74 14.25 7.72
CA GLN B 205 10.31 14.17 7.42
C GLN B 205 9.77 15.46 6.80
N GLU B 206 10.66 16.30 6.27
CA GLU B 206 10.24 17.45 5.47
C GLU B 206 9.99 17.02 4.04
N LEU B 207 9.07 17.71 3.38
CA LEU B 207 8.60 17.30 2.06
C LEU B 207 9.55 17.80 0.99
N LEU B 208 9.80 16.94 -0.01
CA LEU B 208 10.79 17.22 -1.03
C LEU B 208 10.20 17.29 -2.42
N LEU B 209 9.36 16.33 -2.80
CA LEU B 209 8.48 16.46 -3.95
C LEU B 209 7.09 15.97 -3.58
N CYS B 210 6.07 16.66 -4.08
CA CYS B 210 4.72 16.12 -4.14
C CYS B 210 4.22 16.25 -5.58
N THR B 211 4.01 15.12 -6.24
CA THR B 211 3.59 15.08 -7.64
C THR B 211 2.18 14.51 -7.73
N ALA B 212 1.34 15.17 -8.52
CA ALA B 212 0.03 14.64 -8.88
C ALA B 212 0.06 14.08 -10.29
N TYR B 213 -0.58 12.94 -10.49
CA TYR B 213 -0.72 12.31 -11.80
C TYR B 213 -2.19 12.22 -12.16
N VAL B 214 -2.54 12.70 -13.35
CA VAL B 214 -3.83 12.43 -13.97
C VAL B 214 -3.59 11.92 -15.39
N PHE B 215 -4.55 11.14 -15.89
CA PHE B 215 -4.29 10.20 -16.96
C PHE B 215 -5.33 10.34 -18.06
N GLU B 216 -4.88 10.28 -19.31
CA GLU B 216 -5.71 9.93 -20.45
C GLU B 216 -5.02 8.86 -21.27
N VAL B 217 -5.72 8.39 -22.30
CA VAL B 217 -5.18 7.45 -23.27
C VAL B 217 -4.67 8.23 -24.47
N SER B 218 -3.45 7.91 -24.92
CA SER B 218 -2.96 8.40 -26.19
C SER B 218 -3.52 7.58 -27.34
N THR B 219 -3.64 8.23 -28.50
CA THR B 219 -3.75 7.56 -29.78
C THR B 219 -2.73 6.42 -29.87
N SER B 220 -3.13 5.31 -30.50
CA SER B 220 -2.22 4.19 -30.73
C SER B 220 -1.04 4.61 -31.60
N GLU B 221 -1.31 5.38 -32.66
CA GLU B 221 -0.26 5.85 -33.56
C GLU B 221 0.79 6.69 -32.81
N ARG B 222 0.35 7.69 -32.07
CA ARG B 222 1.25 8.47 -31.23
C ARG B 222 1.71 7.64 -30.04
N GLY B 223 2.96 7.86 -29.62
CA GLY B 223 3.47 7.24 -28.43
C GLY B 223 2.95 7.92 -27.17
N ALA B 224 3.54 7.53 -26.04
CA ALA B 224 3.22 8.18 -24.78
C ALA B 224 3.65 9.64 -24.81
N GLN B 225 2.90 10.48 -24.11
CA GLN B 225 3.29 11.87 -23.89
C GLN B 225 2.93 12.27 -22.48
N HIS B 226 3.66 13.26 -21.96
CA HIS B 226 3.34 13.92 -20.70
C HIS B 226 3.44 15.42 -20.88
N HIS B 227 2.70 16.14 -20.04
CA HIS B 227 2.94 17.57 -19.82
C HIS B 227 3.05 17.83 -18.33
N ILE B 228 4.10 18.56 -17.94
CA ILE B 228 4.46 18.77 -16.55
C ILE B 228 4.11 20.20 -16.18
N TYR B 229 3.38 20.36 -15.08
CA TYR B 229 2.95 21.67 -14.61
C TYR B 229 3.50 21.92 -13.22
N ARG B 230 3.35 23.16 -12.76
CA ARG B 230 3.56 23.53 -11.37
C ARG B 230 2.24 23.97 -10.75
N LEU B 231 2.01 23.52 -9.52
CA LEU B 231 0.80 23.88 -8.80
C LEU B 231 1.02 25.17 -8.03
N VAL B 232 0.13 26.14 -8.21
CA VAL B 232 0.18 27.40 -7.49
C VAL B 232 -1.02 27.50 -6.56
N ARG B 233 -1.02 28.51 -5.71
CA ARG B 233 -2.25 28.91 -5.03
C ARG B 233 -2.33 30.42 -4.85
#